data_8ITD
#
_entry.id   8ITD
#
_cell.length_a   82.544
_cell.length_b   85.990
_cell.length_c   101.383
_cell.angle_alpha   90.00
_cell.angle_beta   90.00
_cell.angle_gamma   90.00
#
_symmetry.space_group_name_H-M   'P 21 21 21'
#
loop_
_entity.id
_entity.type
_entity.pdbx_description
1 polymer 'Phosphoglycerate mutase 1'
2 non-polymer 'CHLORIDE ION'
3 non-polymer '2-(N-MORPHOLINO)-ETHANESULFONIC ACID'
4 non-polymer '4-(4-chloranyl-2-oxidanyl-phenyl)-2-[(4-phenylphenyl)sulfonylamino]benzoic acid'
5 water water
#
_entity_poly.entity_id   1
_entity_poly.type   'polypeptide(L)'
_entity_poly.pdbx_seq_one_letter_code
;MAAYKLVLIRHGESAWNLENRFSGWYDADLSPAGHEEAKRGGQALRDAGYEFDICFTSVQKRAIRTLWTVLDAIDQMWLP
VVRTWRLNERHYGGLTGLNKAETAAKHGEAQVKIWRRSYDVPPPPMEPDHPFYSNISKDRRYADLTEDQLPSCESLKDTI
ARALPFWNEEIVPQIKEGKRVLIAAHGNSLRGIVKHLEGLSEEAIMELNLPTGIPIVYELDKNLKPIKPMQFLGDEETVR
KAMEAVAAQGKAKKLEHHHHHH
;
_entity_poly.pdbx_strand_id   B,C
#
# COMPACT_ATOMS: atom_id res chain seq x y z
N ALA A 3 -26.53 -8.33 6.58
CA ALA A 3 -26.59 -7.14 5.73
C ALA A 3 -25.18 -6.63 5.39
N TYR A 4 -24.49 -7.33 4.49
CA TYR A 4 -23.12 -6.95 4.15
C TYR A 4 -23.09 -5.58 3.49
N LYS A 5 -22.04 -4.82 3.74
CA LYS A 5 -21.83 -3.54 3.08
C LYS A 5 -20.56 -3.63 2.24
N LEU A 6 -20.67 -3.18 0.98
CA LEU A 6 -19.58 -3.18 0.01
C LEU A 6 -19.43 -1.79 -0.57
N VAL A 7 -18.20 -1.30 -0.69
CA VAL A 7 -17.97 0.03 -1.23
C VAL A 7 -17.04 -0.07 -2.43
N LEU A 8 -17.47 0.50 -3.55
CA LEU A 8 -16.67 0.64 -4.75
C LEU A 8 -16.30 2.11 -4.93
N ILE A 9 -15.12 2.36 -5.50
CA ILE A 9 -14.81 3.71 -5.92
C ILE A 9 -14.05 3.65 -7.24
N ARG A 10 -14.48 4.47 -8.19
CA ARG A 10 -13.86 4.59 -9.49
C ARG A 10 -12.94 5.80 -9.48
N HIS A 11 -11.71 5.65 -9.95
CA HIS A 11 -10.79 6.77 -9.93
C HIS A 11 -11.26 7.87 -10.87
N GLY A 12 -10.78 9.07 -10.62
CA GLY A 12 -11.08 10.23 -11.44
C GLY A 12 -10.05 10.47 -12.54
N GLU A 13 -9.89 11.74 -12.87
CA GLU A 13 -9.18 12.13 -14.09
C GLU A 13 -7.70 11.78 -14.03
N SER A 14 -7.18 11.30 -15.16
CA SER A 14 -5.77 10.98 -15.32
C SER A 14 -5.08 12.08 -16.11
N ALA A 15 -3.74 12.05 -16.06
CA ALA A 15 -2.94 13.09 -16.68
C ALA A 15 -3.15 13.12 -18.19
N TRP A 16 -2.87 14.29 -18.77
CA TRP A 16 -2.82 14.46 -20.23
C TRP A 16 -4.12 14.06 -20.90
N ASN A 17 -5.24 14.23 -20.20
CA ASN A 17 -6.57 13.93 -20.75
C ASN A 17 -6.68 12.47 -21.15
N LEU A 18 -5.92 11.58 -20.50
CA LEU A 18 -5.86 10.21 -21.01
C LEU A 18 -7.18 9.44 -20.79
N GLU A 19 -8.02 9.88 -19.86
CA GLU A 19 -9.32 9.23 -19.72
C GLU A 19 -10.21 9.49 -20.93
N ASN A 20 -9.89 10.51 -21.74
CA ASN A 20 -10.58 10.74 -23.00
C ASN A 20 -9.77 10.24 -24.17
N ARG A 21 -8.73 9.44 -23.92
CA ARG A 21 -7.84 8.92 -24.94
C ARG A 21 -7.63 7.43 -24.76
N PHE A 22 -8.65 6.69 -24.34
CA PHE A 22 -8.57 5.23 -24.20
C PHE A 22 -7.35 4.80 -23.38
N SER A 23 -7.19 5.39 -22.19
CA SER A 23 -5.98 5.15 -21.37
C SER A 23 -5.70 3.66 -21.22
N GLY A 24 -6.74 2.85 -20.98
CA GLY A 24 -6.58 1.40 -21.07
C GLY A 24 -5.53 0.88 -20.11
N TRP A 25 -4.62 0.03 -20.61
CA TRP A 25 -3.55 -0.53 -19.79
C TRP A 25 -2.32 0.37 -19.69
N TYR A 26 -2.35 1.54 -20.32
CA TYR A 26 -1.26 2.49 -20.10
C TYR A 26 -1.36 3.04 -18.67
N ASP A 27 -0.21 3.14 -17.99
CA ASP A 27 -0.20 3.39 -16.54
C ASP A 27 -0.19 4.90 -16.25
N ALA A 28 -1.23 5.58 -16.73
CA ALA A 28 -1.35 7.01 -16.51
C ALA A 28 -1.61 7.31 -15.04
N ASP A 29 -0.92 8.33 -14.51
CA ASP A 29 -1.18 8.77 -13.15
C ASP A 29 -2.43 9.66 -13.11
N LEU A 30 -2.97 9.84 -11.90
CA LEU A 30 -4.02 10.84 -11.68
C LEU A 30 -3.49 12.23 -12.02
N SER A 31 -4.38 13.08 -12.58
CA SER A 31 -4.12 14.51 -12.63
C SER A 31 -4.32 15.08 -11.22
N PRO A 32 -3.87 16.31 -10.96
CA PRO A 32 -4.20 16.92 -9.67
C PRO A 32 -5.70 16.98 -9.41
N ALA A 33 -6.51 17.22 -10.44
CA ALA A 33 -7.96 17.21 -10.25
C ALA A 33 -8.48 15.82 -9.88
N GLY A 34 -7.93 14.76 -10.49
CA GLY A 34 -8.35 13.41 -10.13
C GLY A 34 -7.95 13.06 -8.71
N HIS A 35 -6.77 13.52 -8.29
CA HIS A 35 -6.37 13.38 -6.90
C HIS A 35 -7.35 14.08 -5.96
N GLU A 36 -7.75 15.31 -6.29
CA GLU A 36 -8.71 16.03 -5.44
C GLU A 36 -10.04 15.30 -5.37
N GLU A 37 -10.47 14.73 -6.49
CA GLU A 37 -11.67 13.89 -6.54
C GLU A 37 -11.58 12.77 -5.51
N ALA A 38 -10.47 12.03 -5.53
CA ALA A 38 -10.29 10.96 -4.56
C ALA A 38 -10.30 11.50 -3.13
N LYS A 39 -9.71 12.68 -2.94
CA LYS A 39 -9.68 13.32 -1.62
C LYS A 39 -11.10 13.56 -1.11
N ARG A 40 -11.97 14.06 -1.98
CA ARG A 40 -13.35 14.36 -1.60
C ARG A 40 -14.11 13.07 -1.33
N GLY A 41 -13.90 12.04 -2.14
CA GLY A 41 -14.52 10.75 -1.84
C GLY A 41 -14.11 10.21 -0.48
N GLY A 42 -12.82 10.28 -0.17
CA GLY A 42 -12.37 9.85 1.15
C GLY A 42 -12.99 10.69 2.26
N GLN A 43 -13.02 12.01 2.06
CA GLN A 43 -13.73 12.95 2.94
C GLN A 43 -15.12 12.43 3.26
N ALA A 44 -15.87 12.09 2.20
CA ALA A 44 -17.24 11.60 2.36
C ALA A 44 -17.29 10.31 3.16
N LEU A 45 -16.36 9.39 2.89
CA LEU A 45 -16.35 8.15 3.66
C LEU A 45 -16.03 8.40 5.13
N ARG A 46 -15.15 9.36 5.42
CA ARG A 46 -14.80 9.55 6.81
C ARG A 46 -15.92 10.28 7.55
N ASP A 47 -16.57 11.25 6.86
CA ASP A 47 -17.71 11.95 7.44
C ASP A 47 -18.81 10.97 7.82
N ALA A 48 -19.02 9.93 7.00
CA ALA A 48 -20.04 8.93 7.28
C ALA A 48 -19.54 7.84 8.22
N GLY A 49 -18.28 7.91 8.68
CA GLY A 49 -17.75 6.97 9.64
C GLY A 49 -17.53 5.56 9.13
N TYR A 50 -17.20 5.41 7.85
CA TYR A 50 -17.06 4.07 7.29
C TYR A 50 -15.77 3.41 7.77
N GLU A 51 -15.86 2.12 8.09
CA GLU A 51 -14.71 1.31 8.43
C GLU A 51 -14.62 0.14 7.46
N PHE A 52 -13.40 -0.20 7.07
CA PHE A 52 -13.13 -1.32 6.18
C PHE A 52 -12.18 -2.29 6.86
N ASP A 53 -12.14 -3.52 6.34
CA ASP A 53 -11.21 -4.53 6.82
C ASP A 53 -10.20 -4.97 5.78
N ILE A 54 -10.47 -4.78 4.49
CA ILE A 54 -9.55 -5.21 3.44
C ILE A 54 -9.89 -4.42 2.19
N CYS A 55 -8.86 -4.15 1.37
CA CYS A 55 -9.01 -3.33 0.17
C CYS A 55 -8.46 -4.09 -1.03
N PHE A 56 -9.15 -3.95 -2.17
CA PHE A 56 -8.72 -4.55 -3.42
C PHE A 56 -8.57 -3.44 -4.45
N THR A 57 -7.55 -3.54 -5.30
CA THR A 57 -7.36 -2.56 -6.36
C THR A 57 -6.62 -3.24 -7.51
N SER A 58 -6.40 -2.48 -8.58
CA SER A 58 -5.73 -3.00 -9.76
C SER A 58 -4.22 -2.88 -9.56
N VAL A 59 -3.42 -3.10 -10.61
CA VAL A 59 -2.00 -2.79 -10.56
C VAL A 59 -1.68 -1.48 -11.30
N GLN A 60 -2.70 -0.64 -11.54
CA GLN A 60 -2.52 0.61 -12.26
C GLN A 60 -2.49 1.77 -11.27
N LYS A 61 -1.49 2.65 -11.41
CA LYS A 61 -1.24 3.62 -10.37
C LYS A 61 -2.39 4.61 -10.18
N ARG A 62 -3.23 4.86 -11.19
CA ARG A 62 -4.32 5.82 -10.97
C ARG A 62 -5.34 5.27 -9.97
N ALA A 63 -5.55 3.95 -9.98
CA ALA A 63 -6.45 3.33 -9.00
C ALA A 63 -5.75 3.15 -7.66
N ILE A 64 -4.48 2.73 -7.69
CA ILE A 64 -3.75 2.58 -6.43
C ILE A 64 -3.71 3.92 -5.69
N ARG A 65 -3.40 4.99 -6.40
CA ARG A 65 -3.31 6.29 -5.76
C ARG A 65 -4.67 6.77 -5.27
N THR A 66 -5.74 6.43 -6.00
CA THR A 66 -7.06 6.74 -5.47
C THR A 66 -7.29 6.04 -4.12
N LEU A 67 -6.97 4.75 -4.04
CA LEU A 67 -7.09 3.99 -2.81
C LEU A 67 -6.24 4.60 -1.69
N TRP A 68 -4.99 4.94 -2.00
CA TRP A 68 -4.10 5.53 -1.00
C TRP A 68 -4.70 6.81 -0.44
N THR A 69 -5.24 7.64 -1.33
CA THR A 69 -5.84 8.92 -0.92
C THR A 69 -7.03 8.68 -0.02
N VAL A 70 -7.84 7.66 -0.35
CA VAL A 70 -9.01 7.36 0.47
C VAL A 70 -8.59 6.84 1.84
N LEU A 71 -7.63 5.90 1.87
CA LEU A 71 -7.16 5.36 3.14
C LEU A 71 -6.57 6.46 4.02
N ASP A 72 -5.82 7.38 3.42
CA ASP A 72 -5.28 8.51 4.16
C ASP A 72 -6.41 9.32 4.79
N ALA A 73 -7.43 9.66 3.99
CA ALA A 73 -8.50 10.52 4.48
C ALA A 73 -9.31 9.86 5.60
N ILE A 74 -9.47 8.54 5.57
CA ILE A 74 -10.27 7.85 6.58
C ILE A 74 -9.40 7.27 7.70
N ASP A 75 -8.10 7.59 7.71
CA ASP A 75 -7.18 7.15 8.77
C ASP A 75 -7.15 5.62 8.89
N GLN A 76 -7.10 4.95 7.75
CA GLN A 76 -7.03 3.49 7.73
C GLN A 76 -5.92 3.03 6.81
N MET A 77 -4.77 3.74 6.84
CA MET A 77 -3.65 3.29 6.02
C MET A 77 -3.09 1.93 6.43
N TRP A 78 -3.47 1.42 7.60
CA TRP A 78 -2.95 0.15 8.07
C TRP A 78 -3.69 -1.06 7.49
N LEU A 79 -4.70 -0.84 6.69
CA LEU A 79 -5.51 -1.96 6.21
C LEU A 79 -4.72 -2.82 5.23
N PRO A 80 -5.01 -4.12 5.19
CA PRO A 80 -4.42 -4.95 4.14
C PRO A 80 -4.97 -4.52 2.78
N VAL A 81 -4.06 -4.47 1.80
CA VAL A 81 -4.38 -4.07 0.44
C VAL A 81 -3.93 -5.19 -0.49
N VAL A 82 -4.80 -5.60 -1.41
CA VAL A 82 -4.50 -6.63 -2.40
C VAL A 82 -4.64 -6.01 -3.79
N ARG A 83 -3.60 -6.14 -4.61
CA ARG A 83 -3.59 -5.62 -5.98
C ARG A 83 -3.69 -6.78 -6.98
N THR A 84 -4.37 -6.56 -8.11
CA THR A 84 -4.46 -7.60 -9.13
C THR A 84 -4.66 -6.98 -10.49
N TRP A 85 -3.95 -7.52 -11.50
CA TRP A 85 -4.21 -7.10 -12.87
C TRP A 85 -5.63 -7.42 -13.31
N ARG A 86 -6.31 -8.35 -12.63
CA ARG A 86 -7.68 -8.68 -13.07
C ARG A 86 -8.67 -7.56 -12.82
N LEU A 87 -8.31 -6.55 -12.02
CA LEU A 87 -9.15 -5.36 -11.87
C LEU A 87 -8.71 -4.19 -12.75
N ASN A 88 -7.73 -4.41 -13.62
CA ASN A 88 -7.27 -3.36 -14.52
C ASN A 88 -8.42 -2.86 -15.40
N GLU A 89 -8.25 -1.62 -15.89
CA GLU A 89 -9.11 -1.07 -16.92
C GLU A 89 -9.13 -1.99 -18.14
N ARG A 90 -10.19 -1.91 -18.95
CA ARG A 90 -10.22 -2.59 -20.23
C ARG A 90 -9.01 -2.22 -21.09
N HIS A 91 -8.46 -3.22 -21.81
CA HIS A 91 -7.32 -2.99 -22.72
C HIS A 91 -7.88 -2.58 -24.08
N TYR A 92 -7.59 -1.33 -24.50
CA TYR A 92 -8.18 -0.78 -25.71
C TYR A 92 -7.34 -1.02 -26.96
N GLY A 93 -6.34 -1.91 -26.88
CA GLY A 93 -5.63 -2.33 -28.08
C GLY A 93 -4.95 -1.17 -28.76
N GLY A 94 -4.99 -1.17 -30.09
CA GLY A 94 -4.33 -0.11 -30.82
C GLY A 94 -4.95 1.25 -30.66
N LEU A 95 -6.16 1.35 -30.08
CA LEU A 95 -6.76 2.66 -29.82
C LEU A 95 -6.14 3.37 -28.63
N THR A 96 -5.41 2.64 -27.79
CA THR A 96 -4.89 3.19 -26.54
C THR A 96 -4.08 4.44 -26.83
N GLY A 97 -4.44 5.53 -26.16
CA GLY A 97 -3.71 6.78 -26.31
C GLY A 97 -4.26 7.73 -27.36
N LEU A 98 -5.17 7.27 -28.22
CA LEU A 98 -5.75 8.13 -29.26
C LEU A 98 -6.98 8.86 -28.74
N ASN A 99 -7.15 10.12 -29.13
CA ASN A 99 -8.38 10.83 -28.82
C ASN A 99 -9.47 10.45 -29.85
N LYS A 100 -10.68 10.97 -29.64
CA LYS A 100 -11.83 10.53 -30.44
C LYS A 100 -11.64 10.86 -31.91
N ALA A 101 -11.16 12.07 -32.20
CA ALA A 101 -11.00 12.50 -33.59
C ALA A 101 -9.98 11.64 -34.31
N GLU A 102 -8.88 11.30 -33.62
CA GLU A 102 -7.84 10.47 -34.23
C GLU A 102 -8.35 9.06 -34.45
N THR A 103 -9.17 8.55 -33.53
CA THR A 103 -9.71 7.21 -33.69
C THR A 103 -10.60 7.15 -34.92
N ALA A 104 -11.47 8.16 -35.08
CA ALA A 104 -12.37 8.20 -36.24
C ALA A 104 -11.60 8.42 -37.53
N ALA A 105 -10.55 9.25 -37.49
CA ALA A 105 -9.72 9.46 -38.68
C ALA A 105 -9.05 8.17 -39.12
N LYS A 106 -8.59 7.38 -38.15
CA LYS A 106 -7.81 6.22 -38.52
C LYS A 106 -8.70 5.06 -38.96
N HIS A 107 -9.87 4.92 -38.34
CA HIS A 107 -10.69 3.73 -38.57
C HIS A 107 -12.07 4.02 -39.19
N GLY A 108 -12.47 5.28 -39.32
CA GLY A 108 -13.77 5.63 -39.89
C GLY A 108 -14.92 5.57 -38.90
N GLU A 109 -15.95 6.41 -39.12
CA GLU A 109 -17.02 6.50 -38.15
C GLU A 109 -17.85 5.22 -38.05
N ALA A 110 -18.02 4.51 -39.17
CA ALA A 110 -18.85 3.30 -39.13
C ALA A 110 -18.27 2.28 -38.15
N GLN A 111 -16.98 1.99 -38.29
CA GLN A 111 -16.34 1.00 -37.43
C GLN A 111 -16.29 1.46 -35.99
N VAL A 112 -16.01 2.75 -35.77
CA VAL A 112 -15.97 3.27 -34.41
C VAL A 112 -17.33 3.09 -33.73
N LYS A 113 -18.42 3.35 -34.46
CA LYS A 113 -19.74 3.15 -33.89
C LYS A 113 -19.99 1.68 -33.57
N ILE A 114 -19.52 0.79 -34.44
CA ILE A 114 -19.65 -0.64 -34.17
C ILE A 114 -18.92 -1.00 -32.88
N TRP A 115 -17.68 -0.52 -32.73
CA TRP A 115 -16.91 -0.87 -31.52
C TRP A 115 -17.58 -0.30 -30.28
N ARG A 116 -18.08 0.93 -30.38
CA ARG A 116 -18.71 1.61 -29.26
C ARG A 116 -19.95 0.85 -28.78
N ARG A 117 -20.70 0.27 -29.72
CA ARG A 117 -21.97 -0.36 -29.37
C ARG A 117 -21.86 -1.86 -29.15
N SER A 118 -20.71 -2.48 -29.37
CA SER A 118 -20.54 -3.92 -29.32
C SER A 118 -20.04 -4.39 -27.95
N TYR A 119 -20.67 -5.44 -27.43
CA TYR A 119 -20.22 -6.07 -26.19
C TYR A 119 -19.05 -7.01 -26.43
N ASP A 120 -18.94 -7.57 -27.62
CA ASP A 120 -18.06 -8.70 -27.85
C ASP A 120 -17.08 -8.52 -29.02
N VAL A 121 -16.96 -7.32 -29.56
CA VAL A 121 -16.00 -7.07 -30.63
C VAL A 121 -14.86 -6.25 -30.05
N PRO A 122 -13.62 -6.73 -30.10
CA PRO A 122 -12.51 -5.97 -29.54
C PRO A 122 -12.02 -4.94 -30.53
N PRO A 123 -11.30 -3.92 -30.06
CA PRO A 123 -10.58 -3.04 -30.98
C PRO A 123 -9.42 -3.78 -31.61
N PRO A 124 -8.73 -3.18 -32.58
CA PRO A 124 -7.58 -3.85 -33.17
C PRO A 124 -6.52 -4.07 -32.12
N PRO A 125 -5.68 -5.09 -32.28
CA PRO A 125 -4.63 -5.36 -31.28
C PRO A 125 -3.60 -4.25 -31.25
N MET A 126 -2.98 -4.09 -30.09
CA MET A 126 -1.88 -3.15 -29.99
C MET A 126 -0.65 -3.85 -30.55
N GLU A 127 -0.08 -3.30 -31.60
CA GLU A 127 0.96 -3.93 -32.38
C GLU A 127 2.31 -3.31 -32.04
N PRO A 128 3.41 -3.94 -32.47
CA PRO A 128 4.74 -3.44 -32.08
C PRO A 128 5.03 -2.01 -32.50
N ASP A 129 4.36 -1.47 -33.52
CA ASP A 129 4.64 -0.07 -33.83
C ASP A 129 3.89 0.92 -32.92
N HIS A 130 2.98 0.43 -32.07
CA HIS A 130 2.29 1.34 -31.15
C HIS A 130 3.29 1.84 -30.10
N PRO A 131 3.28 3.14 -29.79
CA PRO A 131 4.27 3.66 -28.83
C PRO A 131 4.15 3.10 -27.42
N PHE A 132 3.03 2.45 -27.06
CA PHE A 132 2.86 1.83 -25.76
C PHE A 132 3.18 0.34 -25.78
N TYR A 133 3.53 -0.22 -26.93
CA TYR A 133 3.55 -1.68 -27.06
C TYR A 133 4.54 -2.32 -26.09
N SER A 134 5.81 -1.92 -26.14
CA SER A 134 6.78 -2.53 -25.22
C SER A 134 6.56 -2.04 -23.80
N ASN A 135 6.17 -0.77 -23.66
CA ASN A 135 5.89 -0.18 -22.36
C ASN A 135 4.88 -0.99 -21.55
N ILE A 136 3.84 -1.50 -22.20
CA ILE A 136 2.83 -2.31 -21.50
C ILE A 136 3.19 -3.80 -21.55
N SER A 137 3.44 -4.33 -22.75
CA SER A 137 3.54 -5.78 -22.89
C SER A 137 4.77 -6.35 -22.22
N LYS A 138 5.84 -5.57 -22.09
CA LYS A 138 7.06 -6.03 -21.42
C LYS A 138 7.17 -5.50 -19.99
N ASP A 139 6.12 -4.87 -19.47
CA ASP A 139 6.15 -4.38 -18.09
C ASP A 139 6.28 -5.54 -17.10
N ARG A 140 7.22 -5.37 -16.16
CA ARG A 140 7.56 -6.40 -15.17
C ARG A 140 6.35 -6.84 -14.37
N ARG A 141 5.37 -5.96 -14.17
CA ARG A 141 4.22 -6.34 -13.35
C ARG A 141 3.36 -7.41 -14.00
N TYR A 142 3.54 -7.67 -15.30
CA TYR A 142 2.78 -8.71 -16.00
C TYR A 142 3.64 -9.91 -16.36
N ALA A 143 4.85 -10.00 -15.82
CA ALA A 143 5.78 -11.03 -16.27
C ALA A 143 5.32 -12.44 -15.90
N ASP A 144 4.42 -12.57 -14.92
CA ASP A 144 3.89 -13.88 -14.54
C ASP A 144 2.66 -14.28 -15.35
N LEU A 145 2.09 -13.39 -16.16
CA LEU A 145 0.92 -13.75 -16.96
C LEU A 145 1.32 -14.69 -18.10
N THR A 146 0.47 -15.68 -18.37
CA THR A 146 0.70 -16.55 -19.51
C THR A 146 0.37 -15.82 -20.82
N GLU A 147 0.62 -16.51 -21.94
CA GLU A 147 0.49 -15.86 -23.24
C GLU A 147 -0.94 -15.42 -23.51
N ASP A 148 -1.92 -16.27 -23.18
CA ASP A 148 -3.31 -15.89 -23.45
C ASP A 148 -3.92 -15.04 -22.35
N GLN A 149 -3.23 -14.84 -21.22
CA GLN A 149 -3.74 -13.95 -20.20
C GLN A 149 -3.39 -12.49 -20.46
N LEU A 150 -2.24 -12.23 -21.06
CA LEU A 150 -1.85 -10.85 -21.32
C LEU A 150 -2.51 -10.35 -22.60
N PRO A 151 -3.48 -9.45 -22.53
CA PRO A 151 -4.21 -9.05 -23.75
C PRO A 151 -3.40 -8.11 -24.62
N SER A 152 -3.64 -8.21 -25.93
CA SER A 152 -3.27 -7.15 -26.86
C SER A 152 -4.44 -6.22 -27.14
N CYS A 153 -5.63 -6.57 -26.69
CA CYS A 153 -6.88 -5.84 -26.86
C CYS A 153 -7.95 -6.62 -26.11
N GLU A 154 -9.05 -5.95 -25.80
CA GLU A 154 -10.14 -6.58 -25.07
C GLU A 154 -11.47 -6.03 -25.54
N SER A 155 -12.42 -6.93 -25.77
CA SER A 155 -13.82 -6.52 -25.77
C SER A 155 -14.27 -6.29 -24.34
N LEU A 156 -15.42 -5.64 -24.16
CA LEU A 156 -15.97 -5.51 -22.81
C LEU A 156 -16.22 -6.89 -22.21
N LYS A 157 -16.73 -7.82 -23.04
CA LYS A 157 -16.87 -9.20 -22.59
C LYS A 157 -15.57 -9.77 -22.04
N ASP A 158 -14.46 -9.53 -22.74
CA ASP A 158 -13.15 -10.02 -22.29
C ASP A 158 -12.79 -9.44 -20.93
N THR A 159 -12.92 -8.12 -20.78
CA THR A 159 -12.58 -7.46 -19.52
C THR A 159 -13.36 -8.07 -18.36
N ILE A 160 -14.67 -8.23 -18.54
CA ILE A 160 -15.50 -8.75 -17.47
C ILE A 160 -15.14 -10.21 -17.19
N ALA A 161 -14.80 -10.96 -18.25
CA ALA A 161 -14.47 -12.36 -18.09
C ALA A 161 -13.18 -12.55 -17.28
N ARG A 162 -12.23 -11.63 -17.38
CA ARG A 162 -11.05 -11.84 -16.52
C ARG A 162 -11.17 -11.14 -15.16
N ALA A 163 -12.13 -10.23 -14.99
CA ALA A 163 -12.32 -9.68 -13.65
C ALA A 163 -13.13 -10.62 -12.76
N LEU A 164 -14.12 -11.31 -13.31
CA LEU A 164 -15.02 -12.05 -12.43
C LEU A 164 -14.37 -13.22 -11.69
N PRO A 165 -13.42 -13.96 -12.28
CA PRO A 165 -12.73 -14.99 -11.47
C PRO A 165 -12.08 -14.43 -10.22
N PHE A 166 -11.58 -13.19 -10.27
CA PHE A 166 -10.99 -12.61 -9.06
C PHE A 166 -12.07 -12.28 -8.04
N TRP A 167 -13.17 -11.68 -8.49
CA TRP A 167 -14.30 -11.45 -7.62
C TRP A 167 -14.71 -12.74 -6.91
N ASN A 168 -14.97 -13.80 -7.68
CA ASN A 168 -15.47 -15.04 -7.10
C ASN A 168 -14.46 -15.68 -6.17
N GLU A 169 -13.17 -15.69 -6.55
CA GLU A 169 -12.17 -16.48 -5.86
C GLU A 169 -11.56 -15.75 -4.66
N GLU A 170 -11.42 -14.42 -4.73
CA GLU A 170 -10.74 -13.67 -3.70
C GLU A 170 -11.65 -12.73 -2.93
N ILE A 171 -12.64 -12.08 -3.56
CA ILE A 171 -13.38 -11.03 -2.86
C ILE A 171 -14.60 -11.61 -2.15
N VAL A 172 -15.34 -12.46 -2.86
CA VAL A 172 -16.52 -13.10 -2.29
C VAL A 172 -16.22 -13.80 -0.96
N PRO A 173 -15.16 -14.62 -0.83
CA PRO A 173 -14.91 -15.25 0.48
C PRO A 173 -14.72 -14.26 1.59
N GLN A 174 -14.10 -13.10 1.30
CA GLN A 174 -13.92 -12.08 2.33
C GLN A 174 -15.26 -11.49 2.75
N ILE A 175 -16.12 -11.17 1.78
CA ILE A 175 -17.44 -10.64 2.11
C ILE A 175 -18.22 -11.64 2.95
N LYS A 176 -18.12 -12.93 2.62
CA LYS A 176 -18.90 -13.94 3.33
C LYS A 176 -18.38 -14.19 4.73
N GLU A 177 -17.12 -13.85 5.03
CA GLU A 177 -16.61 -13.87 6.39
C GLU A 177 -16.94 -12.60 7.18
N GLY A 178 -17.66 -11.65 6.59
CA GLY A 178 -17.99 -10.43 7.29
C GLY A 178 -16.97 -9.32 7.19
N LYS A 179 -15.89 -9.51 6.42
CA LYS A 179 -14.94 -8.42 6.19
C LYS A 179 -15.58 -7.32 5.36
N ARG A 180 -15.39 -6.07 5.78
CA ARG A 180 -15.94 -4.93 5.05
C ARG A 180 -14.95 -4.55 3.96
N VAL A 181 -15.35 -4.75 2.70
CA VAL A 181 -14.45 -4.66 1.56
C VAL A 181 -14.58 -3.28 0.94
N LEU A 182 -13.44 -2.70 0.55
CA LEU A 182 -13.40 -1.54 -0.32
C LEU A 182 -12.69 -1.94 -1.60
N ILE A 183 -13.26 -1.55 -2.75
CA ILE A 183 -12.65 -1.82 -4.06
C ILE A 183 -12.42 -0.49 -4.77
N ALA A 184 -11.17 -0.20 -5.10
CA ALA A 184 -10.82 0.99 -5.87
C ALA A 184 -10.32 0.50 -7.22
N ALA A 185 -11.08 0.79 -8.28
CA ALA A 185 -10.69 0.29 -9.59
C ALA A 185 -11.17 1.19 -10.71
N HIS A 186 -11.54 0.60 -11.84
CA HIS A 186 -11.70 1.34 -13.09
C HIS A 186 -13.13 1.17 -13.60
N GLY A 187 -13.53 2.06 -14.50
CA GLY A 187 -14.86 2.00 -15.10
C GLY A 187 -15.30 0.60 -15.52
N ASN A 188 -14.53 -0.06 -16.38
CA ASN A 188 -14.99 -1.33 -16.95
C ASN A 188 -14.80 -2.54 -16.04
N SER A 189 -13.77 -2.57 -15.18
CA SER A 189 -13.70 -3.69 -14.22
C SER A 189 -14.82 -3.57 -13.18
N LEU A 190 -15.11 -2.35 -12.73
CA LEU A 190 -16.24 -2.17 -11.82
C LEU A 190 -17.55 -2.49 -12.52
N ARG A 191 -17.64 -2.21 -13.83
CA ARG A 191 -18.80 -2.66 -14.61
C ARG A 191 -18.99 -4.15 -14.48
N GLY A 192 -17.90 -4.92 -14.60
CA GLY A 192 -18.04 -6.36 -14.45
C GLY A 192 -18.63 -6.76 -13.11
N ILE A 193 -18.14 -6.13 -12.04
CA ILE A 193 -18.70 -6.42 -10.71
C ILE A 193 -20.17 -6.03 -10.63
N VAL A 194 -20.53 -4.84 -11.12
CA VAL A 194 -21.91 -4.37 -10.99
C VAL A 194 -22.84 -5.26 -11.81
N LYS A 195 -22.42 -5.64 -13.00
CA LYS A 195 -23.23 -6.53 -13.83
C LYS A 195 -23.45 -7.86 -13.13
N HIS A 196 -22.42 -8.40 -12.47
CA HIS A 196 -22.60 -9.65 -11.76
C HIS A 196 -23.53 -9.48 -10.56
N LEU A 197 -23.40 -8.38 -9.82
CA LEU A 197 -24.21 -8.17 -8.62
C LEU A 197 -25.68 -7.96 -8.97
N GLU A 198 -25.96 -7.19 -10.01
CA GLU A 198 -27.33 -6.79 -10.34
C GLU A 198 -27.96 -7.64 -11.44
N GLY A 199 -27.22 -8.59 -12.00
CA GLY A 199 -27.74 -9.41 -13.07
C GLY A 199 -28.16 -8.60 -14.28
N LEU A 200 -27.36 -7.60 -14.65
CA LEU A 200 -27.70 -6.73 -15.76
C LEU A 200 -27.43 -7.40 -17.10
N SER A 201 -28.18 -6.97 -18.10
CA SER A 201 -27.95 -7.40 -19.47
C SER A 201 -26.72 -6.70 -20.06
N GLU A 202 -26.22 -7.29 -21.15
CA GLU A 202 -25.13 -6.67 -21.91
C GLU A 202 -25.47 -5.23 -22.29
N GLU A 203 -26.67 -5.01 -22.83
CA GLU A 203 -27.05 -3.66 -23.23
C GLU A 203 -27.07 -2.73 -22.03
N ALA A 204 -27.59 -3.21 -20.90
CA ALA A 204 -27.70 -2.39 -19.70
C ALA A 204 -26.31 -2.04 -19.15
N ILE A 205 -25.43 -3.02 -19.06
CA ILE A 205 -24.10 -2.71 -18.52
C ILE A 205 -23.36 -1.76 -19.46
N MET A 206 -23.62 -1.86 -20.77
CA MET A 206 -22.98 -0.94 -21.69
C MET A 206 -23.53 0.47 -21.57
N GLU A 207 -24.76 0.62 -21.07
CA GLU A 207 -25.28 1.96 -20.83
C GLU A 207 -24.95 2.51 -19.44
N LEU A 208 -24.38 1.69 -18.55
CA LEU A 208 -24.11 2.14 -17.19
C LEU A 208 -22.76 2.87 -17.15
N ASN A 209 -22.75 4.07 -16.58
CA ASN A 209 -21.54 4.89 -16.52
C ASN A 209 -21.33 5.32 -15.07
N LEU A 210 -20.51 4.58 -14.34
CA LEU A 210 -20.37 4.84 -12.91
C LEU A 210 -19.67 6.18 -12.68
N PRO A 211 -20.12 6.98 -11.71
CA PRO A 211 -19.47 8.26 -11.45
C PRO A 211 -18.09 8.05 -10.84
N THR A 212 -17.23 9.04 -11.01
CA THR A 212 -15.85 8.97 -10.54
C THR A 212 -15.68 9.65 -9.19
N GLY A 213 -14.76 9.14 -8.38
CA GLY A 213 -14.42 9.78 -7.13
C GLY A 213 -15.48 9.71 -6.05
N ILE A 214 -16.57 9.00 -6.31
CA ILE A 214 -17.74 9.00 -5.43
C ILE A 214 -17.84 7.60 -4.80
N PRO A 215 -17.88 7.48 -3.48
CA PRO A 215 -18.11 6.16 -2.88
C PRO A 215 -19.46 5.61 -3.30
N ILE A 216 -19.45 4.40 -3.86
CA ILE A 216 -20.64 3.69 -4.30
C ILE A 216 -20.89 2.57 -3.30
N VAL A 217 -22.05 2.61 -2.64
CA VAL A 217 -22.34 1.71 -1.52
C VAL A 217 -23.38 0.67 -1.94
N TYR A 218 -23.08 -0.59 -1.66
CA TYR A 218 -23.97 -1.72 -1.87
C TYR A 218 -24.31 -2.35 -0.54
N GLU A 219 -25.58 -2.73 -0.36
CA GLU A 219 -25.99 -3.55 0.76
C GLU A 219 -26.46 -4.89 0.21
N LEU A 220 -25.76 -5.96 0.60
CA LEU A 220 -25.96 -7.29 0.07
C LEU A 220 -26.56 -8.20 1.14
N ASP A 221 -27.37 -9.17 0.69
CA ASP A 221 -27.95 -10.15 1.59
C ASP A 221 -27.04 -11.37 1.68
N LYS A 222 -27.55 -12.44 2.29
CA LYS A 222 -26.75 -13.63 2.58
C LYS A 222 -26.16 -14.24 1.32
N ASN A 223 -26.86 -14.12 0.19
CA ASN A 223 -26.40 -14.65 -1.09
C ASN A 223 -25.74 -13.59 -1.95
N LEU A 224 -25.38 -12.45 -1.36
CA LEU A 224 -24.64 -11.37 -2.02
C LEU A 224 -25.49 -10.69 -3.09
N LYS A 225 -26.82 -10.73 -2.91
CA LYS A 225 -27.72 -10.00 -3.81
C LYS A 225 -28.01 -8.63 -3.23
N PRO A 226 -27.88 -7.57 -4.01
CA PRO A 226 -28.21 -6.23 -3.50
C PRO A 226 -29.66 -6.17 -3.02
N ILE A 227 -29.84 -5.62 -1.82
CA ILE A 227 -31.18 -5.45 -1.26
C ILE A 227 -31.83 -4.15 -1.66
N LYS A 228 -31.07 -3.22 -2.25
CA LYS A 228 -31.62 -1.97 -2.73
C LYS A 228 -30.67 -1.44 -3.80
N PRO A 229 -31.06 -0.39 -4.53
CA PRO A 229 -30.14 0.18 -5.52
C PRO A 229 -28.89 0.75 -4.88
N MET A 230 -27.82 0.74 -5.66
CA MET A 230 -26.56 1.34 -5.27
C MET A 230 -26.75 2.77 -4.81
N GLN A 231 -26.01 3.17 -3.77
CA GLN A 231 -26.10 4.48 -3.15
C GLN A 231 -24.76 5.20 -3.28
N PHE A 232 -24.84 6.52 -3.41
CA PHE A 232 -23.66 7.37 -3.48
C PHE A 232 -23.49 8.18 -2.20
N LEU A 233 -22.24 8.40 -1.81
CA LEU A 233 -21.87 9.14 -0.60
C LEU A 233 -21.40 10.54 -0.97
N GLY A 234 -21.87 11.54 -0.24
CA GLY A 234 -21.49 12.92 -0.48
C GLY A 234 -22.57 13.95 -0.17
N ASP A 235 -22.93 14.77 -1.16
CA ASP A 235 -23.99 15.78 -1.01
C ASP A 235 -24.96 15.74 -2.20
N ALA B 2 26.39 -11.37 -4.92
CA ALA B 2 25.81 -12.27 -3.93
C ALA B 2 24.48 -12.81 -4.41
N ALA B 3 24.03 -13.89 -3.77
CA ALA B 3 22.76 -14.52 -4.16
C ALA B 3 21.60 -13.55 -4.02
N TYR B 4 21.50 -12.86 -2.88
CA TYR B 4 20.31 -12.09 -2.53
C TYR B 4 20.67 -10.67 -2.17
N LYS B 5 19.69 -9.77 -2.31
CA LYS B 5 19.85 -8.39 -1.89
C LYS B 5 18.61 -7.99 -1.08
N LEU B 6 18.83 -7.35 0.05
CA LEU B 6 17.77 -6.89 0.95
C LEU B 6 17.94 -5.39 1.19
N VAL B 7 16.84 -4.65 1.20
CA VAL B 7 16.89 -3.21 1.46
C VAL B 7 15.97 -2.87 2.62
N LEU B 8 16.49 -2.12 3.60
CA LEU B 8 15.75 -1.61 4.73
C LEU B 8 15.66 -0.10 4.63
N ILE B 9 14.60 0.47 5.18
CA ILE B 9 14.56 1.93 5.29
C ILE B 9 13.80 2.29 6.56
N ARG B 10 14.42 3.15 7.36
CA ARG B 10 13.83 3.63 8.60
C ARG B 10 13.13 4.95 8.31
N HIS B 11 11.90 5.10 8.78
CA HIS B 11 11.18 6.34 8.49
C HIS B 11 11.85 7.51 9.19
N GLY B 12 11.54 8.71 8.71
CA GLY B 12 12.11 9.94 9.24
C GLY B 12 11.25 10.59 10.30
N GLU B 13 11.51 11.87 10.52
CA GLU B 13 10.91 12.66 11.59
C GLU B 13 9.38 12.58 11.56
N SER B 14 8.79 12.39 12.73
CA SER B 14 7.34 12.38 12.90
C SER B 14 6.87 13.70 13.52
N ALA B 15 5.55 13.90 13.49
CA ALA B 15 4.95 15.05 14.16
C ALA B 15 5.26 15.09 15.65
N TRP B 16 5.34 13.91 16.29
CA TRP B 16 5.64 13.91 17.73
C TRP B 16 7.13 14.06 18.03
N ASN B 17 8.01 13.68 17.09
CA ASN B 17 9.42 14.02 17.24
C ASN B 17 9.59 15.52 17.40
N LEU B 18 8.79 16.31 16.67
CA LEU B 18 8.88 17.75 16.78
C LEU B 18 8.53 18.24 18.18
N GLU B 19 7.71 17.47 18.90
CA GLU B 19 7.28 17.79 20.26
C GLU B 19 8.12 17.05 21.31
N ASN B 20 9.19 16.39 20.87
CA ASN B 20 10.01 15.47 21.69
C ASN B 20 9.16 14.61 22.63
N ARG B 21 8.08 14.05 22.06
CA ARG B 21 7.20 13.12 22.76
C ARG B 21 7.53 11.68 22.38
N PHE B 22 7.32 10.75 23.33
CA PHE B 22 7.43 9.34 23.02
C PHE B 22 6.21 8.90 22.22
N SER B 23 6.42 8.41 21.00
CA SER B 23 5.31 7.88 20.20
C SER B 23 5.07 6.40 20.48
N GLY B 24 6.08 5.57 20.26
CA GLY B 24 5.89 4.14 20.43
C GLY B 24 4.80 3.66 19.48
N TRP B 25 3.79 2.99 20.04
CA TRP B 25 2.69 2.52 19.22
C TRP B 25 1.68 3.60 18.86
N TYR B 26 1.81 4.81 19.42
CA TYR B 26 0.95 5.91 18.95
C TYR B 26 1.23 6.21 17.47
N ASP B 27 0.18 6.38 16.70
CA ASP B 27 0.29 6.39 15.23
C ASP B 27 0.54 7.81 14.69
N ALA B 28 1.64 8.42 15.15
CA ALA B 28 2.02 9.74 14.68
C ALA B 28 2.39 9.74 13.20
N ASP B 29 1.94 10.78 12.47
CA ASP B 29 2.30 10.89 11.06
C ASP B 29 3.70 11.48 10.90
N LEU B 30 4.25 11.34 9.70
CA LEU B 30 5.48 12.05 9.36
C LEU B 30 5.28 13.55 9.46
N SER B 31 6.33 14.26 9.85
CA SER B 31 6.40 15.70 9.65
C SER B 31 6.67 15.97 8.18
N PRO B 32 6.44 17.21 7.71
CA PRO B 32 6.84 17.53 6.33
C PRO B 32 8.30 17.16 6.04
N ALA B 33 9.19 17.44 6.98
CA ALA B 33 10.61 17.11 6.76
C ALA B 33 10.82 15.60 6.69
N GLY B 34 10.12 14.81 7.52
CA GLY B 34 10.24 13.36 7.42
C GLY B 34 9.71 12.82 6.09
N HIS B 35 8.64 13.44 5.58
CA HIS B 35 8.15 13.10 4.25
C HIS B 35 9.20 13.40 3.18
N GLU B 36 9.85 14.55 3.29
CA GLU B 36 10.88 14.91 2.32
C GLU B 36 12.05 13.94 2.38
N GLU B 37 12.44 13.51 3.60
CA GLU B 37 13.45 12.47 3.78
C GLU B 37 13.10 11.21 2.99
N ALA B 38 11.85 10.75 3.14
CA ALA B 38 11.43 9.56 2.39
C ALA B 38 11.53 9.78 0.88
N LYS B 39 11.18 10.99 0.42
CA LYS B 39 11.31 11.29 -1.01
C LYS B 39 12.75 11.18 -1.48
N ARG B 40 13.69 11.68 -0.67
CA ARG B 40 15.09 11.61 -1.07
C ARG B 40 15.60 10.17 -1.08
N GLY B 41 15.20 9.36 -0.09
CA GLY B 41 15.57 7.94 -0.13
C GLY B 41 14.98 7.21 -1.34
N GLY B 42 13.73 7.49 -1.67
CA GLY B 42 13.15 6.90 -2.87
C GLY B 42 13.88 7.33 -4.12
N GLN B 43 14.30 8.59 -4.17
CA GLN B 43 15.05 9.07 -5.33
C GLN B 43 16.39 8.37 -5.45
N ALA B 44 17.04 8.10 -4.32
CA ALA B 44 18.29 7.36 -4.34
C ALA B 44 18.08 5.95 -4.86
N LEU B 45 16.99 5.30 -4.46
CA LEU B 45 16.70 3.96 -4.99
C LEU B 45 16.42 4.03 -6.49
N ARG B 46 15.72 5.08 -6.93
CA ARG B 46 15.42 5.25 -8.35
C ARG B 46 16.69 5.46 -9.17
N ASP B 47 17.58 6.32 -8.68
CA ASP B 47 18.85 6.57 -9.35
C ASP B 47 19.71 5.30 -9.44
N ALA B 48 19.63 4.44 -8.44
CA ALA B 48 20.42 3.21 -8.48
C ALA B 48 19.73 2.09 -9.25
N GLY B 49 18.52 2.32 -9.76
CA GLY B 49 17.83 1.33 -10.56
C GLY B 49 17.31 0.15 -9.79
N TYR B 50 16.96 0.32 -8.52
CA TYR B 50 16.56 -0.80 -7.68
C TYR B 50 15.17 -1.31 -8.05
N GLU B 51 15.03 -2.63 -8.08
CA GLU B 51 13.75 -3.29 -8.33
C GLU B 51 13.42 -4.22 -7.17
N PHE B 52 12.16 -4.21 -6.76
CA PHE B 52 11.70 -5.09 -5.71
C PHE B 52 10.55 -5.96 -6.21
N ASP B 53 10.27 -7.02 -5.44
CA ASP B 53 9.16 -7.91 -5.72
C ASP B 53 8.11 -7.95 -4.63
N ILE B 54 8.44 -7.56 -3.40
CA ILE B 54 7.48 -7.54 -2.30
C ILE B 54 8.00 -6.59 -1.23
N CYS B 55 7.07 -5.94 -0.51
CA CYS B 55 7.38 -4.96 0.53
C CYS B 55 6.73 -5.32 1.84
N PHE B 56 7.44 -5.09 2.95
CA PHE B 56 6.89 -5.29 4.27
C PHE B 56 6.98 -3.98 5.06
N THR B 57 5.98 -3.72 5.89
CA THR B 57 5.99 -2.51 6.71
C THR B 57 5.16 -2.80 7.95
N SER B 58 5.07 -1.81 8.84
CA SER B 58 4.33 -1.98 10.08
C SER B 58 2.85 -1.62 9.85
N VAL B 59 2.09 -1.44 10.93
CA VAL B 59 0.75 -0.90 10.80
C VAL B 59 0.69 0.55 11.28
N GLN B 60 1.82 1.23 11.25
CA GLN B 60 1.93 2.62 11.68
C GLN B 60 2.17 3.52 10.48
N LYS B 61 1.41 4.61 10.40
CA LYS B 61 1.41 5.40 9.17
C LYS B 61 2.74 6.09 8.89
N ARG B 62 3.61 6.37 9.88
CA ARG B 62 4.89 7.00 9.52
C ARG B 62 5.76 6.05 8.69
N ALA B 63 5.67 4.74 8.96
CA ALA B 63 6.39 3.77 8.15
C ALA B 63 5.65 3.49 6.83
N ILE B 64 4.33 3.31 6.90
CA ILE B 64 3.54 3.04 5.69
C ILE B 64 3.72 4.19 4.68
N ARG B 65 3.63 5.43 5.16
CA ARG B 65 3.78 6.57 4.27
C ARG B 65 5.20 6.67 3.73
N THR B 66 6.22 6.29 4.52
CA THR B 66 7.54 6.20 3.95
C THR B 66 7.61 5.18 2.80
N LEU B 67 6.99 4.00 2.99
CA LEU B 67 6.94 3.01 1.92
C LEU B 67 6.24 3.56 0.69
N TRP B 68 5.07 4.17 0.89
CA TRP B 68 4.32 4.73 -0.23
C TRP B 68 5.16 5.71 -1.01
N THR B 69 5.84 6.61 -0.29
CA THR B 69 6.67 7.62 -0.93
C THR B 69 7.79 6.99 -1.76
N VAL B 70 8.44 5.96 -1.21
CA VAL B 70 9.48 5.25 -1.94
C VAL B 70 8.92 4.58 -3.19
N LEU B 71 7.78 3.90 -3.05
CA LEU B 71 7.20 3.16 -4.18
C LEU B 71 6.82 4.12 -5.30
N ASP B 72 6.25 5.27 -4.94
CA ASP B 72 5.99 6.34 -5.90
C ASP B 72 7.27 6.75 -6.62
N ALA B 73 8.34 6.99 -5.85
CA ALA B 73 9.58 7.48 -6.46
C ALA B 73 10.17 6.47 -7.44
N ILE B 74 10.09 5.17 -7.14
CA ILE B 74 10.72 4.17 -7.99
C ILE B 74 9.73 3.57 -9.00
N ASP B 75 8.53 4.14 -9.06
CA ASP B 75 7.45 3.75 -9.99
C ASP B 75 7.12 2.26 -9.85
N GLN B 76 7.02 1.79 -8.60
CA GLN B 76 6.66 0.40 -8.28
C GLN B 76 5.50 0.37 -7.29
N MET B 77 4.53 1.25 -7.51
CA MET B 77 3.31 1.34 -6.72
C MET B 77 2.46 0.07 -6.82
N TRP B 78 2.68 -0.72 -7.87
CA TRP B 78 1.96 -1.97 -8.11
C TRP B 78 2.47 -3.16 -7.30
N LEU B 79 3.54 -3.01 -6.51
CA LEU B 79 4.10 -4.15 -5.79
C LEU B 79 3.18 -4.62 -4.67
N PRO B 80 3.14 -5.92 -4.38
CA PRO B 80 2.44 -6.39 -3.19
C PRO B 80 3.07 -5.80 -1.92
N VAL B 81 2.19 -5.42 -0.99
CA VAL B 81 2.59 -4.82 0.27
C VAL B 81 1.97 -5.64 1.38
N VAL B 82 2.75 -5.96 2.40
CA VAL B 82 2.28 -6.68 3.58
C VAL B 82 2.57 -5.82 4.82
N ARG B 83 1.55 -5.61 5.63
CA ARG B 83 1.65 -4.84 6.86
C ARG B 83 1.58 -5.77 8.06
N THR B 84 2.38 -5.49 9.09
CA THR B 84 2.29 -6.30 10.31
C THR B 84 2.63 -5.48 11.56
N TRP B 85 1.81 -5.64 12.60
CA TRP B 85 2.13 -5.08 13.92
C TRP B 85 3.49 -5.53 14.42
N ARG B 86 3.99 -6.68 13.96
CA ARG B 86 5.27 -7.17 14.47
C ARG B 86 6.43 -6.27 14.05
N LEU B 87 6.25 -5.43 13.05
CA LEU B 87 7.27 -4.48 12.66
C LEU B 87 7.09 -3.10 13.30
N ASN B 88 6.08 -2.94 14.17
CA ASN B 88 5.82 -1.66 14.84
C ASN B 88 7.04 -1.18 15.62
N GLU B 89 7.10 0.13 15.85
CA GLU B 89 8.06 0.71 16.78
C GLU B 89 7.95 0.06 18.15
N ARG B 90 9.02 0.14 18.94
CA ARG B 90 8.97 -0.28 20.34
C ARG B 90 7.82 0.42 21.08
N HIS B 91 7.11 -0.33 21.91
CA HIS B 91 6.03 0.19 22.75
C HIS B 91 6.60 0.81 24.00
N TYR B 92 6.47 2.14 24.16
CA TYR B 92 7.09 2.80 25.31
C TYR B 92 6.19 2.85 26.53
N GLY B 93 5.09 2.11 26.53
CA GLY B 93 4.30 1.94 27.74
C GLY B 93 3.77 3.26 28.27
N GLY B 94 3.88 3.46 29.59
CA GLY B 94 3.34 4.66 30.20
C GLY B 94 4.02 5.94 29.78
N LEU B 95 5.24 5.85 29.23
CA LEU B 95 5.89 7.04 28.70
C LEU B 95 5.23 7.56 27.43
N THR B 96 4.38 6.76 26.78
CA THR B 96 3.74 7.20 25.55
C THR B 96 3.00 8.51 25.75
N GLY B 97 3.27 9.49 24.87
CA GLY B 97 2.66 10.79 24.96
C GLY B 97 3.38 11.81 25.81
N LEU B 98 4.22 11.37 26.76
CA LEU B 98 5.04 12.30 27.53
C LEU B 98 6.19 12.85 26.69
N ASN B 99 6.58 14.09 26.99
CA ASN B 99 7.76 14.65 26.36
C ASN B 99 8.97 14.47 27.28
N LYS B 100 10.12 14.96 26.82
CA LYS B 100 11.37 14.77 27.55
C LYS B 100 11.28 15.35 28.96
N ALA B 101 10.76 16.57 29.06
CA ALA B 101 10.69 17.24 30.35
C ALA B 101 9.75 16.52 31.29
N GLU B 102 8.57 16.11 30.80
CA GLU B 102 7.63 15.42 31.67
C GLU B 102 8.20 14.09 32.17
N THR B 103 8.94 13.42 31.30
CA THR B 103 9.55 12.14 31.67
C THR B 103 10.62 12.34 32.75
N ALA B 104 11.51 13.32 32.53
CA ALA B 104 12.53 13.62 33.53
C ALA B 104 11.90 14.08 34.84
N ALA B 105 10.91 14.96 34.77
CA ALA B 105 10.26 15.46 35.97
C ALA B 105 9.65 14.33 36.78
N LYS B 106 8.95 13.41 36.10
CA LYS B 106 8.23 12.38 36.84
C LYS B 106 9.17 11.30 37.36
N HIS B 107 10.18 10.94 36.59
CA HIS B 107 10.92 9.73 36.94
C HIS B 107 12.34 9.96 37.45
N GLY B 108 12.95 11.12 37.18
CA GLY B 108 14.28 11.36 37.71
C GLY B 108 15.40 10.80 36.86
N GLU B 109 16.59 11.38 37.04
CA GLU B 109 17.71 11.08 36.18
C GLU B 109 18.11 9.62 36.29
N ALA B 110 18.17 9.08 37.51
CA ALA B 110 18.70 7.74 37.70
C ALA B 110 17.84 6.71 36.97
N GLN B 111 16.52 6.81 37.17
CA GLN B 111 15.60 5.90 36.49
C GLN B 111 15.66 6.05 34.99
N VAL B 112 15.70 7.30 34.49
CA VAL B 112 15.71 7.47 33.03
C VAL B 112 17.01 6.93 32.43
N LYS B 113 18.15 7.10 33.12
CA LYS B 113 19.39 6.50 32.65
C LYS B 113 19.30 4.99 32.63
N ILE B 114 18.70 4.39 33.67
CA ILE B 114 18.49 2.94 33.66
C ILE B 114 17.74 2.52 32.40
N TRP B 115 16.60 3.17 32.13
CA TRP B 115 15.81 2.79 30.96
C TRP B 115 16.60 2.95 29.67
N ARG B 116 17.37 4.03 29.56
CA ARG B 116 18.13 4.26 28.34
C ARG B 116 19.18 3.18 28.12
N ARG B 117 19.90 2.80 29.18
CA ARG B 117 21.07 1.94 29.03
C ARG B 117 20.73 0.46 29.02
N SER B 118 19.50 0.07 29.35
CA SER B 118 19.19 -1.32 29.60
C SER B 118 18.62 -2.00 28.35
N TYR B 119 19.03 -3.25 28.13
CA TYR B 119 18.49 -4.03 27.03
C TYR B 119 17.14 -4.66 27.37
N ASP B 120 16.88 -4.90 28.66
CA ASP B 120 15.75 -5.74 29.02
C ASP B 120 14.89 -5.19 30.16
N VAL B 121 15.05 -3.93 30.54
CA VAL B 121 14.19 -3.31 31.55
C VAL B 121 13.15 -2.46 30.82
N PRO B 122 11.88 -2.84 30.85
CA PRO B 122 10.86 -2.06 30.15
C PRO B 122 10.52 -0.79 30.90
N PRO B 123 9.94 0.19 30.22
CA PRO B 123 9.38 1.34 30.92
C PRO B 123 8.10 0.93 31.62
N PRO B 124 7.46 1.83 32.38
CA PRO B 124 6.24 1.46 33.10
C PRO B 124 5.15 1.03 32.13
N PRO B 125 4.21 0.20 32.57
CA PRO B 125 3.12 -0.23 31.69
C PRO B 125 2.15 0.90 31.40
N MET B 126 1.53 0.83 30.22
CA MET B 126 0.41 1.71 29.86
C MET B 126 -0.84 1.16 30.51
N GLU B 127 -1.32 1.85 31.56
CA GLU B 127 -2.46 1.39 32.34
C GLU B 127 -3.76 1.91 31.73
N PRO B 128 -4.91 1.34 32.14
CA PRO B 128 -6.20 1.77 31.55
C PRO B 128 -6.54 3.24 31.74
N ASP B 129 -5.96 3.94 32.72
CA ASP B 129 -6.23 5.36 32.83
C ASP B 129 -5.23 6.24 32.07
N HIS B 130 -4.30 5.64 31.33
CA HIS B 130 -3.37 6.42 30.52
C HIS B 130 -4.15 7.17 29.44
N PRO B 131 -3.76 8.40 29.09
CA PRO B 131 -4.55 9.15 28.08
C PRO B 131 -4.63 8.47 26.73
N PHE B 132 -3.68 7.63 26.36
CA PHE B 132 -3.69 6.97 25.05
C PHE B 132 -3.99 5.48 25.15
N TYR B 133 -4.49 5.02 26.30
CA TYR B 133 -4.79 3.60 26.48
C TYR B 133 -5.82 3.11 25.45
N SER B 134 -6.98 3.75 25.39
CA SER B 134 -7.96 3.26 24.45
C SER B 134 -7.52 3.52 23.01
N ASN B 135 -6.85 4.65 22.78
CA ASN B 135 -6.36 4.99 21.44
C ASN B 135 -5.46 3.92 20.85
N ILE B 136 -4.66 3.24 21.67
CA ILE B 136 -3.72 2.21 21.20
C ILE B 136 -4.23 0.80 21.52
N SER B 137 -4.37 0.47 22.81
CA SER B 137 -4.71 -0.89 23.20
C SER B 137 -6.10 -1.32 22.74
N LYS B 138 -6.99 -0.37 22.45
CA LYS B 138 -8.33 -0.71 21.99
C LYS B 138 -8.52 -0.43 20.50
N ASP B 139 -7.43 -0.11 19.79
CA ASP B 139 -7.51 0.11 18.35
C ASP B 139 -7.82 -1.20 17.65
N ARG B 140 -8.82 -1.19 16.77
CA ARG B 140 -9.26 -2.43 16.16
C ARG B 140 -8.20 -3.07 15.27
N ARG B 141 -7.13 -2.35 14.92
CA ARG B 141 -6.07 -3.00 14.14
C ARG B 141 -5.35 -4.08 14.93
N TYR B 142 -5.48 -4.07 16.26
CA TYR B 142 -4.87 -5.12 17.08
C TYR B 142 -5.90 -6.15 17.56
N ALA B 143 -7.09 -6.17 16.94
CA ALA B 143 -8.19 -7.00 17.44
C ALA B 143 -7.85 -8.49 17.44
N ASP B 144 -6.99 -8.93 16.53
CA ASP B 144 -6.68 -10.36 16.43
C ASP B 144 -5.44 -10.77 17.22
N LEU B 145 -4.81 -9.84 17.93
CA LEU B 145 -3.71 -10.22 18.81
C LEU B 145 -4.24 -10.95 20.04
N THR B 146 -3.55 -12.00 20.45
CA THR B 146 -3.88 -12.66 21.70
C THR B 146 -3.58 -11.74 22.88
N GLU B 147 -4.14 -12.07 24.04
CA GLU B 147 -3.97 -11.23 25.21
C GLU B 147 -2.50 -11.06 25.57
N ASP B 148 -1.68 -12.09 25.34
CA ASP B 148 -0.27 -11.98 25.65
C ASP B 148 0.53 -11.29 24.57
N GLN B 149 -0.02 -11.17 23.35
CA GLN B 149 0.72 -10.53 22.28
C GLN B 149 0.63 -9.01 22.35
N LEU B 150 -0.46 -8.47 22.87
CA LEU B 150 -0.64 -7.03 22.92
C LEU B 150 0.14 -6.47 24.10
N PRO B 151 1.23 -5.73 23.85
CA PRO B 151 2.08 -5.28 24.95
C PRO B 151 1.48 -4.10 25.69
N SER B 152 1.78 -4.04 27.00
CA SER B 152 1.55 -2.83 27.77
C SER B 152 2.79 -1.94 27.80
N CYS B 153 3.94 -2.48 27.40
CA CYS B 153 5.25 -1.83 27.41
C CYS B 153 6.23 -2.85 26.87
N GLU B 154 7.38 -2.37 26.41
CA GLU B 154 8.38 -3.25 25.82
C GLU B 154 9.75 -2.72 26.17
N SER B 155 10.62 -3.61 26.62
CA SER B 155 12.04 -3.38 26.52
C SER B 155 12.49 -3.62 25.09
N LEU B 156 13.73 -3.25 24.78
CA LEU B 156 14.23 -3.54 23.43
C LEU B 156 14.23 -5.04 23.17
N LYS B 157 14.59 -5.83 24.20
CA LYS B 157 14.52 -7.29 24.08
C LYS B 157 13.12 -7.74 23.69
N ASP B 158 12.08 -7.16 24.29
CA ASP B 158 10.70 -7.52 23.93
C ASP B 158 10.41 -7.20 22.46
N THR B 159 10.73 -5.97 22.05
CA THR B 159 10.47 -5.56 20.67
C THR B 159 11.11 -6.52 19.69
N ILE B 160 12.40 -6.83 19.91
CA ILE B 160 13.12 -7.72 19.02
C ILE B 160 12.49 -9.11 19.05
N ALA B 161 12.06 -9.55 20.23
CA ALA B 161 11.48 -10.88 20.37
C ALA B 161 10.19 -11.03 19.58
N ARG B 162 9.42 -9.96 19.40
CA ARG B 162 8.22 -10.10 18.60
C ARG B 162 8.39 -9.71 17.15
N ALA B 163 9.47 -9.01 16.80
CA ALA B 163 9.73 -8.78 15.38
C ALA B 163 10.34 -10.01 14.72
N LEU B 164 11.26 -10.70 15.40
CA LEU B 164 11.97 -11.77 14.73
C LEU B 164 11.08 -12.94 14.28
N PRO B 165 9.96 -13.29 14.94
CA PRO B 165 9.11 -14.34 14.37
C PRO B 165 8.55 -13.96 13.01
N PHE B 166 8.24 -12.68 12.79
CA PHE B 166 7.77 -12.29 11.47
C PHE B 166 8.88 -12.41 10.44
N TRP B 167 10.08 -11.95 10.76
CA TRP B 167 11.22 -12.16 9.90
C TRP B 167 11.36 -13.64 9.52
N ASN B 168 11.45 -14.51 10.52
CA ASN B 168 11.73 -15.93 10.27
C ASN B 168 10.60 -16.58 9.48
N GLU B 169 9.35 -16.29 9.83
CA GLU B 169 8.24 -17.05 9.28
C GLU B 169 7.71 -16.47 7.97
N GLU B 170 7.82 -15.16 7.77
CA GLU B 170 7.23 -14.52 6.60
C GLU B 170 8.24 -13.93 5.64
N ILE B 171 9.36 -13.35 6.11
CA ILE B 171 10.23 -12.66 5.17
C ILE B 171 11.29 -13.60 4.62
N VAL B 172 11.93 -14.38 5.50
CA VAL B 172 12.97 -15.31 5.06
C VAL B 172 12.48 -16.22 3.92
N PRO B 173 11.32 -16.89 4.02
CA PRO B 173 10.85 -17.70 2.88
C PRO B 173 10.75 -16.92 1.58
N GLN B 174 10.35 -15.65 1.64
CA GLN B 174 10.24 -14.86 0.42
C GLN B 174 11.61 -14.58 -0.17
N ILE B 175 12.60 -14.28 0.68
CA ILE B 175 13.94 -14.01 0.15
C ILE B 175 14.48 -15.27 -0.52
N LYS B 176 14.31 -16.42 0.13
CA LYS B 176 14.85 -17.66 -0.43
C LYS B 176 14.06 -18.13 -1.64
N GLU B 177 12.85 -17.62 -1.83
CA GLU B 177 12.09 -17.80 -3.06
C GLU B 177 12.59 -16.90 -4.17
N GLY B 178 13.60 -16.08 -3.91
CA GLY B 178 14.17 -15.15 -4.87
C GLY B 178 13.52 -13.78 -4.92
N LYS B 179 12.54 -13.49 -4.07
CA LYS B 179 11.88 -12.18 -4.06
C LYS B 179 12.84 -11.12 -3.54
N ARG B 180 12.89 -9.98 -4.24
CA ARG B 180 13.67 -8.83 -3.79
C ARG B 180 12.83 -8.04 -2.78
N VAL B 181 13.24 -8.09 -1.52
CA VAL B 181 12.46 -7.55 -0.41
C VAL B 181 12.91 -6.11 -0.08
N LEU B 182 11.91 -5.27 0.20
CA LEU B 182 12.10 -3.94 0.79
C LEU B 182 11.32 -3.93 2.10
N ILE B 183 11.96 -3.52 3.18
CA ILE B 183 11.30 -3.39 4.47
C ILE B 183 11.34 -1.92 4.86
N ALA B 184 10.18 -1.32 5.07
CA ALA B 184 10.08 0.05 5.56
C ALA B 184 9.51 -0.02 6.97
N ALA B 185 10.34 0.28 7.97
CA ALA B 185 9.84 0.13 9.33
C ALA B 185 10.46 1.14 10.28
N HIS B 186 10.73 0.72 11.52
CA HIS B 186 11.06 1.64 12.60
C HIS B 186 12.42 1.27 13.19
N GLY B 187 13.03 2.23 13.89
CA GLY B 187 14.38 2.02 14.43
C GLY B 187 14.53 0.71 15.20
N ASN B 188 13.63 0.45 16.15
CA ASN B 188 13.83 -0.70 17.04
C ASN B 188 13.43 -2.04 16.40
N SER B 189 12.42 -2.07 15.53
CA SER B 189 12.13 -3.33 14.84
C SER B 189 13.21 -3.64 13.81
N LEU B 190 13.73 -2.61 13.13
CA LEU B 190 14.84 -2.84 12.23
C LEU B 190 16.09 -3.25 13.00
N ARG B 191 16.27 -2.73 14.21
CA ARG B 191 17.36 -3.23 15.05
C ARG B 191 17.25 -4.73 15.24
N GLY B 192 16.03 -5.22 15.49
CA GLY B 192 15.89 -6.67 15.63
C GLY B 192 16.40 -7.42 14.42
N ILE B 193 16.02 -6.94 13.23
CA ILE B 193 16.48 -7.61 12.00
C ILE B 193 18.01 -7.53 11.86
N VAL B 194 18.59 -6.35 12.09
CA VAL B 194 20.02 -6.18 11.92
C VAL B 194 20.78 -7.05 12.93
N LYS B 195 20.31 -7.09 14.18
CA LYS B 195 20.96 -7.91 15.20
C LYS B 195 20.99 -9.37 14.78
N HIS B 196 19.87 -9.87 14.24
CA HIS B 196 19.84 -11.24 13.76
C HIS B 196 20.76 -11.45 12.57
N LEU B 197 20.74 -10.53 11.59
CA LEU B 197 21.55 -10.72 10.38
C LEU B 197 23.04 -10.74 10.69
N GLU B 198 23.49 -9.86 11.59
CA GLU B 198 24.91 -9.66 11.85
C GLU B 198 25.39 -10.35 13.11
N GLY B 199 24.51 -11.04 13.84
CA GLY B 199 24.89 -11.68 15.09
C GLY B 199 25.44 -10.74 16.14
N LEU B 200 24.89 -9.53 16.23
CA LEU B 200 25.41 -8.53 17.15
C LEU B 200 25.01 -8.82 18.59
N SER B 201 25.87 -8.36 19.52
CA SER B 201 25.57 -8.46 20.93
C SER B 201 24.50 -7.44 21.32
N GLU B 202 23.96 -7.63 22.54
CA GLU B 202 23.06 -6.64 23.13
C GLU B 202 23.68 -5.26 23.19
N GLU B 203 24.90 -5.19 23.74
CA GLU B 203 25.67 -3.94 23.76
C GLU B 203 25.76 -3.31 22.37
N ALA B 204 26.13 -4.12 21.38
CA ALA B 204 26.36 -3.59 20.04
C ALA B 204 25.07 -3.08 19.42
N ILE B 205 23.98 -3.83 19.56
CA ILE B 205 22.74 -3.39 18.93
C ILE B 205 22.20 -2.14 19.62
N MET B 206 22.49 -1.97 20.91
CA MET B 206 22.05 -0.78 21.61
C MET B 206 22.83 0.47 21.19
N GLU B 207 24.04 0.30 20.69
CA GLU B 207 24.83 1.42 20.19
C GLU B 207 24.60 1.69 18.71
N LEU B 208 23.79 0.88 18.03
CA LEU B 208 23.53 1.08 16.61
C LEU B 208 22.34 2.01 16.44
N ASN B 209 22.56 3.16 15.78
CA ASN B 209 21.50 4.10 15.40
C ASN B 209 21.40 4.12 13.87
N LEU B 210 20.43 3.39 13.35
CA LEU B 210 20.23 3.38 11.91
C LEU B 210 19.85 4.78 11.43
N PRO B 211 20.42 5.24 10.32
CA PRO B 211 20.03 6.56 9.80
C PRO B 211 18.63 6.50 9.20
N THR B 212 17.97 7.66 9.21
CA THR B 212 16.60 7.74 8.74
C THR B 212 16.52 8.18 7.28
N GLY B 213 15.50 7.69 6.59
CA GLY B 213 15.27 8.06 5.21
C GLY B 213 16.32 7.62 4.23
N ILE B 214 17.22 6.73 4.62
CA ILE B 214 18.36 6.32 3.81
C ILE B 214 18.19 4.85 3.48
N PRO B 215 18.21 4.45 2.21
CA PRO B 215 18.17 3.01 1.91
C PRO B 215 19.42 2.31 2.46
N ILE B 216 19.18 1.23 3.20
CA ILE B 216 20.22 0.42 3.83
C ILE B 216 20.25 -0.91 3.09
N VAL B 217 21.39 -1.24 2.48
CA VAL B 217 21.48 -2.36 1.54
C VAL B 217 22.32 -3.46 2.15
N TYR B 218 21.77 -4.68 2.16
CA TYR B 218 22.49 -5.90 2.53
C TYR B 218 22.66 -6.78 1.31
N GLU B 219 23.88 -7.27 1.10
CA GLU B 219 24.16 -8.33 0.14
C GLU B 219 24.30 -9.63 0.92
N LEU B 220 23.48 -10.61 0.59
CA LEU B 220 23.31 -11.79 1.41
C LEU B 220 23.63 -13.05 0.61
N ASP B 221 24.30 -14.01 1.25
CA ASP B 221 24.49 -15.30 0.62
C ASP B 221 23.21 -16.12 0.78
N LYS B 222 23.21 -17.36 0.27
CA LYS B 222 21.98 -18.14 0.23
C LYS B 222 21.47 -18.50 1.61
N ASN B 223 22.32 -18.42 2.63
CA ASN B 223 21.94 -18.67 4.00
C ASN B 223 21.55 -17.38 4.72
N LEU B 224 21.45 -16.27 3.97
CA LEU B 224 21.05 -14.95 4.49
C LEU B 224 22.11 -14.37 5.42
N LYS B 225 23.38 -14.76 5.22
CA LYS B 225 24.50 -14.16 5.95
C LYS B 225 25.06 -13.00 5.14
N PRO B 226 25.20 -11.82 5.74
CA PRO B 226 25.78 -10.69 5.00
C PRO B 226 27.18 -11.01 4.51
N ILE B 227 27.46 -10.69 3.24
CA ILE B 227 28.81 -10.89 2.69
C ILE B 227 29.68 -9.65 2.89
N LYS B 228 29.12 -8.55 3.37
CA LYS B 228 29.86 -7.32 3.59
C LYS B 228 29.03 -6.42 4.50
N PRO B 229 29.62 -5.36 5.07
CA PRO B 229 28.84 -4.48 5.94
C PRO B 229 27.68 -3.83 5.20
N MET B 230 26.72 -3.31 5.96
CA MET B 230 25.61 -2.63 5.31
C MET B 230 26.13 -1.45 4.50
N GLN B 231 25.45 -1.16 3.39
CA GLN B 231 25.72 -0.03 2.52
C GLN B 231 24.57 0.97 2.62
N PHE B 232 24.91 2.25 2.52
CA PHE B 232 23.92 3.32 2.48
C PHE B 232 23.85 3.86 1.07
N LEU B 233 22.64 4.12 0.57
CA LEU B 233 22.44 4.64 -0.76
C LEU B 233 22.17 6.14 -0.70
N GLY B 234 22.81 6.88 -1.59
CA GLY B 234 22.62 8.32 -1.67
C GLY B 234 23.80 8.98 -2.31
N ASP B 235 23.74 10.31 -2.36
CA ASP B 235 24.85 11.09 -2.88
C ASP B 235 25.99 11.13 -1.87
N GLU B 236 27.15 11.60 -2.34
CA GLU B 236 28.36 11.70 -1.52
C GLU B 236 28.06 12.36 -0.17
N GLU B 237 27.38 13.51 -0.21
CA GLU B 237 27.06 14.25 1.01
C GLU B 237 26.25 13.41 1.98
N THR B 238 25.10 12.92 1.51
CA THR B 238 24.17 12.21 2.39
C THR B 238 24.80 10.95 2.97
N VAL B 239 25.50 10.18 2.13
CA VAL B 239 26.14 8.95 2.60
C VAL B 239 27.26 9.27 3.60
N ARG B 240 27.92 10.43 3.46
CA ARG B 240 28.99 10.79 4.39
C ARG B 240 28.43 11.22 5.74
N LYS B 241 27.33 11.98 5.75
CA LYS B 241 26.69 12.35 7.02
C LYS B 241 26.34 11.10 7.84
N ALA B 242 25.92 10.03 7.15
CA ALA B 242 25.60 8.76 7.81
C ALA B 242 26.82 7.89 8.05
N MET B 243 28.00 8.30 7.58
CA MET B 243 29.25 7.57 7.78
C MET B 243 29.18 6.15 7.20
#